data_6QMM
#
_entry.id   6QMM
#
_cell.length_a   57.640
_cell.length_b   63.820
_cell.length_c   73.500
_cell.angle_alpha   90.000
_cell.angle_beta   92.720
_cell.angle_gamma   90.000
#
_symmetry.space_group_name_H-M   'P 1 21 1'
#
loop_
_entity.id
_entity.type
_entity.pdbx_description
1 polymer 'Polyamine aminopropyltransferase'
2 polymer 'Polyamine aminopropyltransferase'
3 non-polymer 1,4-DIAMINOBUTANE
4 non-polymer SPERMIDINE
5 non-polymer "5'-DEOXY-5'-METHYLTHIOADENOSINE"
6 non-polymer (2S)-1-[3-{[(2R)-2-hydroxypropyl]oxy}-2,2-bis({[(2R)-2-hydroxypropyl]oxy}methyl)propoxy]propan-2-ol
7 water water
#
loop_
_entity_poly.entity_id
_entity_poly.type
_entity_poly.pdbx_seq_one_letter_code
_entity_poly.pdbx_strand_id
1 'polypeptide(L)'
;SADAPVWIDEVFEDRVRYGLRGQILWEETSPFQKITIVDTEHYGRGLLLDDCWMTAERCEVCYHEYLVHPPLTTAASIAR
VLVIGGGDGGTVREVLRYAEVEQVDLVEIDGRVVELSQEYLGAIGTAWADPRLNVKIGDGIAFVQTAPDASYDVILVDGS
DPAGGLFNREFYENCRRVLKPGGVFASQAESPDSFLAVHLEMIETLSAVFAEAKPYYGWVPMYPSGWWSWLYASDTPGQF
QKPQSDRLAAIEPQVEIYNRDIHQAAFAQPNFVRRGLSARQ
;
A
2 'polypeptide(L)'
;PVWIDEVFEDRVRYGLRGQILWEETSPFQKITIVDTEHYGRGLLLDDCWMTAERCEVCYHEYLVHPPLTTAASIARVLVI
GGGDGGTVREVLRYAEVEQVDLVEIDGRVVELSQEYLGAIGTAWADPRLNVKIGDGIAFVQTAPDASYDVILVDGSDPAG
PAAGLFNREFYENCRRVLKPGGVFASQAESPDSFLAVHLEMIETLSAVFAEAKPYYGWVPMYPSGWWSWLYASDTPGQFQ
KPQSDRLAAIEPQVEIYNRDIHQAAFAQPNFVRRGLSARQ
;
B
#
loop_
_chem_comp.id
_chem_comp.type
_chem_comp.name
_chem_comp.formula
MTA non-polymer 5'-DEOXY-5'-METHYLTHIOADENOSINE 'C11 H15 N5 O3 S'
PUT non-polymer 1,4-DIAMINOBUTANE 'C4 H12 N2'
PXN non-polymer (2S)-1-[3-{[(2R)-2-hydroxypropyl]oxy}-2,2-bis({[(2R)-2-hydroxypropyl]oxy}methyl)propoxy]propan-2-ol 'C17 H36 O8'
SPD non-polymer SPERMIDINE 'C7 H19 N3'
#
# COMPACT_ATOMS: atom_id res chain seq x y z
N SER A 1 11.40 34.32 4.88
CA SER A 1 11.22 32.86 4.63
C SER A 1 11.52 32.58 3.14
N ALA A 2 11.40 31.34 2.68
CA ALA A 2 11.65 30.95 1.27
C ALA A 2 10.74 31.75 0.29
N ASP A 3 11.27 32.24 -0.81
CA ASP A 3 10.51 32.95 -1.90
C ASP A 3 9.54 31.96 -2.51
N ALA A 4 9.94 30.73 -2.73
CA ALA A 4 9.21 29.78 -3.58
C ALA A 4 9.11 28.48 -2.81
N PRO A 5 8.32 27.53 -3.32
CA PRO A 5 8.07 26.27 -2.65
C PRO A 5 9.37 25.49 -2.41
N VAL A 6 9.54 24.93 -1.22
CA VAL A 6 10.77 24.18 -0.88
C VAL A 6 10.48 22.67 -0.72
N TRP A 7 11.55 21.87 -0.84
CA TRP A 7 11.47 20.41 -0.46
C TRP A 7 11.37 20.27 1.06
N ILE A 8 10.27 19.75 1.53
CA ILE A 8 10.06 19.42 2.98
C ILE A 8 10.18 17.88 3.11
N ASP A 9 11.34 17.40 3.56
CA ASP A 9 11.80 15.99 3.57
C ASP A 9 11.65 15.40 4.97
N GLU A 10 11.08 14.22 5.10
CA GLU A 10 11.26 13.34 6.27
C GLU A 10 12.34 12.31 5.96
N VAL A 11 13.42 12.37 6.67
CA VAL A 11 14.58 11.47 6.52
C VAL A 11 14.44 10.31 7.51
N PHE A 12 14.47 9.08 7.01
CA PHE A 12 14.34 7.85 7.79
C PHE A 12 15.72 7.24 7.86
N GLU A 13 16.21 7.18 9.12
CA GLU A 13 17.45 6.46 9.50
C GLU A 13 18.64 6.98 8.67
N ASP A 14 18.62 8.25 8.25
CA ASP A 14 19.70 8.90 7.45
C ASP A 14 19.90 8.11 6.15
N ARG A 15 18.86 7.46 5.63
CA ARG A 15 19.12 6.75 4.35
C ARG A 15 17.92 6.56 3.44
N VAL A 16 16.71 6.93 3.85
CA VAL A 16 15.59 7.15 2.92
C VAL A 16 15.08 8.57 3.18
N ARG A 17 14.57 9.19 2.14
CA ARG A 17 13.86 10.46 2.29
C ARG A 17 12.61 10.40 1.42
N TYR A 18 11.56 10.91 2.00
CA TYR A 18 10.30 11.21 1.33
C TYR A 18 10.07 12.72 1.50
N GLY A 19 9.89 13.45 0.43
CA GLY A 19 9.69 14.91 0.52
C GLY A 19 8.51 15.36 -0.34
N LEU A 20 7.86 16.45 0.09
CA LEU A 20 6.77 17.15 -0.63
C LEU A 20 7.19 18.61 -0.81
N ARG A 21 7.12 19.13 -2.05
CA ARG A 21 7.41 20.53 -2.35
C ARG A 21 6.21 21.31 -1.81
N GLY A 22 6.53 22.30 -1.00
CA GLY A 22 5.46 23.12 -0.43
C GLY A 22 5.99 24.36 0.29
N GLN A 23 5.05 25.15 0.81
CA GLN A 23 5.30 26.35 1.64
C GLN A 23 5.09 26.00 3.09
N ILE A 24 5.92 26.58 3.93
CA ILE A 24 5.65 26.62 5.40
C ILE A 24 4.69 27.76 5.72
N LEU A 25 3.53 27.43 6.31
CA LEU A 25 2.53 28.49 6.67
C LEU A 25 2.84 28.96 8.09
N TRP A 26 3.40 28.08 8.91
CA TRP A 26 3.62 28.29 10.35
C TRP A 26 4.50 27.16 10.84
N GLU A 27 5.45 27.50 11.67
CA GLU A 27 6.34 26.58 12.44
C GLU A 27 6.51 27.19 13.80
N GLU A 28 6.23 26.44 14.84
CA GLU A 28 6.63 26.76 16.22
C GLU A 28 7.04 25.47 16.95
N THR A 29 7.81 25.63 17.99
CA THR A 29 8.10 24.57 18.98
C THR A 29 7.16 24.79 20.19
N SER A 30 6.42 23.75 20.53
CA SER A 30 5.62 23.72 21.78
C SER A 30 6.51 23.15 22.86
N PRO A 31 6.04 23.05 24.13
CA PRO A 31 6.82 22.33 25.13
C PRO A 31 7.07 20.87 24.79
N PHE A 32 6.29 20.28 23.89
CA PHE A 32 6.41 18.83 23.53
C PHE A 32 7.16 18.60 22.22
N GLN A 33 7.14 19.53 21.26
CA GLN A 33 7.62 19.17 19.91
C GLN A 33 7.53 20.36 18.96
N LYS A 34 8.28 20.25 17.87
CA LYS A 34 8.20 21.19 16.73
C LYS A 34 6.98 20.83 15.88
N ILE A 35 6.12 21.81 15.64
CA ILE A 35 4.91 21.71 14.82
C ILE A 35 5.14 22.52 13.55
N THR A 36 5.00 21.93 12.39
CA THR A 36 5.18 22.62 11.09
C THR A 36 3.90 22.43 10.29
N ILE A 37 3.24 23.53 10.00
CA ILE A 37 2.05 23.59 9.12
C ILE A 37 2.56 24.03 7.76
N VAL A 38 2.19 23.24 6.74
CA VAL A 38 2.69 23.33 5.36
C VAL A 38 1.52 23.37 4.38
N ASP A 39 1.81 23.95 3.24
CA ASP A 39 0.89 23.89 2.05
C ASP A 39 1.66 23.17 0.92
N THR A 40 1.31 21.89 0.67
CA THR A 40 1.99 21.06 -0.32
C THR A 40 1.29 21.18 -1.70
N GLU A 41 2.06 21.15 -2.77
CA GLU A 41 1.43 21.10 -4.13
C GLU A 41 0.67 19.77 -4.37
N HIS A 42 1.18 18.66 -3.88
CA HIS A 42 0.61 17.34 -4.26
C HIS A 42 -0.57 17.08 -3.31
N TYR A 43 -0.44 17.34 -2.01
CA TYR A 43 -1.53 16.90 -1.12
C TYR A 43 -2.31 18.07 -0.48
N GLY A 44 -2.09 19.32 -0.82
CA GLY A 44 -2.64 20.45 -0.01
C GLY A 44 -2.01 20.60 1.40
N ARG A 45 -2.77 21.19 2.33
CA ARG A 45 -2.26 21.54 3.66
C ARG A 45 -2.08 20.31 4.51
N GLY A 46 -1.05 20.40 5.34
CA GLY A 46 -0.59 19.30 6.20
C GLY A 46 0.23 19.76 7.41
N LEU A 47 0.78 18.74 8.06
CA LEU A 47 1.34 18.85 9.42
C LEU A 47 2.53 17.90 9.52
N LEU A 48 3.66 18.41 9.97
CA LEU A 48 4.76 17.56 10.50
C LEU A 48 4.91 17.82 12.02
N LEU A 49 5.39 16.80 12.74
CA LEU A 49 5.81 16.90 14.13
C LEU A 49 7.24 16.36 14.17
N ASP A 50 8.17 17.18 14.68
CA ASP A 50 9.61 16.85 14.82
C ASP A 50 10.09 16.35 13.44
N ASP A 51 9.78 17.15 12.40
CA ASP A 51 10.25 16.94 10.97
C ASP A 51 9.77 15.59 10.40
N CYS A 52 8.67 15.01 10.93
CA CYS A 52 8.04 13.74 10.42
C CYS A 52 6.61 14.11 9.95
N TRP A 53 6.24 13.58 8.79
CA TRP A 53 4.90 13.74 8.15
C TRP A 53 3.83 13.18 9.08
N MET A 54 2.81 13.96 9.42
CA MET A 54 1.67 13.44 10.21
C MET A 54 0.40 13.32 9.36
N THR A 55 0.12 14.36 8.65
CA THR A 55 -1.11 14.43 7.85
C THR A 55 -0.99 15.44 6.71
N ALA A 56 -1.91 15.36 5.78
CA ALA A 56 -2.17 16.33 4.71
C ALA A 56 -3.58 16.07 4.14
N GLU A 57 -4.15 17.10 3.57
CA GLU A 57 -5.58 17.16 3.18
C GLU A 57 -5.86 16.00 2.21
N ARG A 58 -4.94 15.66 1.29
CA ARG A 58 -5.37 14.68 0.25
C ARG A 58 -4.59 13.38 0.42
N CYS A 59 -3.92 13.19 1.54
CA CYS A 59 -3.34 11.93 2.06
C CYS A 59 -3.64 11.82 3.56
N GLU A 60 -4.88 11.56 3.93
CA GLU A 60 -5.27 11.51 5.36
C GLU A 60 -6.37 10.42 5.46
N VAL A 61 -7.24 10.30 4.46
CA VAL A 61 -8.42 9.43 4.58
C VAL A 61 -7.93 7.98 4.72
N CYS A 62 -6.83 7.66 4.08
CA CYS A 62 -6.18 6.32 4.07
C CYS A 62 -5.71 5.98 5.49
N TYR A 63 -5.33 6.95 6.31
CA TYR A 63 -4.99 6.68 7.72
C TYR A 63 -6.27 6.63 8.50
N HIS A 64 -7.10 7.67 8.36
CA HIS A 64 -8.22 7.85 9.33
C HIS A 64 -9.31 6.82 9.11
N GLU A 65 -9.65 6.55 7.86
CA GLU A 65 -10.63 5.48 7.63
C GLU A 65 -10.18 4.11 8.17
N TYR A 66 -8.88 3.72 8.07
CA TYR A 66 -8.42 2.39 8.53
C TYR A 66 -8.40 2.30 10.07
N LEU A 67 -8.01 3.38 10.76
CA LEU A 67 -8.02 3.39 12.23
C LEU A 67 -9.45 3.22 12.74
N VAL A 68 -10.41 3.95 12.16
CA VAL A 68 -11.75 4.12 12.73
C VAL A 68 -12.69 3.00 12.27
N HIS A 69 -12.85 2.76 10.98
CA HIS A 69 -14.12 2.06 10.54
C HIS A 69 -14.10 0.60 10.90
N PRO A 70 -12.97 -0.15 10.83
CA PRO A 70 -13.00 -1.54 11.31
C PRO A 70 -13.44 -1.73 12.75
N PRO A 71 -12.98 -0.94 13.72
CA PRO A 71 -13.56 -1.01 15.06
C PRO A 71 -14.99 -0.53 15.16
N LEU A 72 -15.31 0.63 14.58
CA LEU A 72 -16.66 1.20 14.78
C LEU A 72 -17.74 0.35 14.11
N THR A 73 -17.44 -0.42 13.05
CA THR A 73 -18.48 -1.30 12.42
C THR A 73 -18.64 -2.61 13.19
N THR A 74 -17.70 -2.95 14.07
CA THR A 74 -17.69 -4.24 14.72
C THR A 74 -17.97 -4.17 16.25
N ALA A 75 -17.76 -3.04 16.95
CA ALA A 75 -17.89 -3.00 18.43
C ALA A 75 -19.37 -3.25 18.74
N ALA A 76 -19.69 -3.97 19.79
CA ALA A 76 -21.12 -4.37 20.04
C ALA A 76 -21.93 -3.11 20.21
N SER A 77 -21.35 -2.13 20.86
CA SER A 77 -21.98 -0.81 20.87
C SER A 77 -20.89 0.26 20.64
N ILE A 78 -21.26 1.44 20.18
CA ILE A 78 -20.38 2.59 19.83
C ILE A 78 -20.88 3.91 20.41
N ALA A 79 -21.62 3.86 21.50
CA ALA A 79 -22.16 5.03 22.21
C ALA A 79 -20.98 5.92 22.70
N ARG A 80 -19.90 5.36 23.22
CA ARG A 80 -18.84 6.17 23.91
C ARG A 80 -17.48 5.73 23.38
N VAL A 81 -16.75 6.69 22.86
CA VAL A 81 -15.47 6.48 22.16
C VAL A 81 -14.44 7.39 22.80
N LEU A 82 -13.27 6.82 23.05
CA LEU A 82 -12.11 7.55 23.56
C LEU A 82 -11.05 7.58 22.45
N VAL A 83 -10.63 8.78 22.04
CA VAL A 83 -9.45 8.95 21.18
C VAL A 83 -8.28 9.54 21.97
N ILE A 84 -7.20 8.82 22.00
CA ILE A 84 -5.89 9.24 22.57
C ILE A 84 -5.00 9.76 21.45
N GLY A 85 -4.79 11.06 21.45
CA GLY A 85 -4.16 11.79 20.33
C GLY A 85 -5.26 12.51 19.57
N GLY A 86 -5.35 12.35 18.27
CA GLY A 86 -6.49 12.85 17.47
C GLY A 86 -6.30 14.30 17.16
N GLY A 87 -5.11 14.83 17.32
CA GLY A 87 -4.84 16.28 17.27
C GLY A 87 -5.31 17.01 16.02
N ASP A 88 -5.21 16.36 14.87
CA ASP A 88 -5.49 16.99 13.59
C ASP A 88 -7.01 16.95 13.42
N GLY A 89 -7.72 16.18 14.22
CA GLY A 89 -9.21 16.13 14.07
C GLY A 89 -9.76 15.15 13.07
N GLY A 90 -8.97 14.41 12.32
CA GLY A 90 -9.51 13.51 11.29
C GLY A 90 -10.10 12.25 11.90
N THR A 91 -9.51 11.71 12.97
CA THR A 91 -10.06 10.49 13.64
C THR A 91 -11.48 10.80 14.14
N VAL A 92 -11.66 11.90 14.88
CA VAL A 92 -12.99 12.15 15.51
C VAL A 92 -14.04 12.43 14.39
N ARG A 93 -13.63 13.06 13.29
CA ARG A 93 -14.51 13.30 12.13
C ARG A 93 -15.08 11.95 11.65
N GLU A 94 -14.20 10.96 11.48
CA GLU A 94 -14.64 9.62 11.00
C GLU A 94 -15.58 9.01 12.03
N VAL A 95 -15.23 9.15 13.33
CA VAL A 95 -16.00 8.48 14.42
C VAL A 95 -17.40 9.15 14.44
N LEU A 96 -17.43 10.45 14.21
CA LEU A 96 -18.73 11.18 14.32
C LEU A 96 -19.65 11.00 13.10
N ARG A 97 -19.20 10.32 12.05
CA ARG A 97 -20.13 10.02 10.94
C ARG A 97 -21.23 9.04 11.39
N TYR A 98 -21.07 8.33 12.52
CA TYR A 98 -22.03 7.31 12.97
C TYR A 98 -23.00 7.98 13.90
N ALA A 99 -24.27 7.68 13.70
CA ALA A 99 -25.39 8.37 14.40
C ALA A 99 -25.49 7.79 15.81
N GLU A 100 -25.21 6.52 16.00
CA GLU A 100 -25.20 5.80 17.29
C GLU A 100 -24.16 6.38 18.26
N VAL A 101 -23.09 6.99 17.79
CA VAL A 101 -22.06 7.56 18.69
C VAL A 101 -22.74 8.67 19.50
N GLU A 102 -22.56 8.67 20.83
CA GLU A 102 -23.17 9.67 21.71
C GLU A 102 -22.14 10.62 22.24
N GLN A 103 -20.96 10.15 22.56
CA GLN A 103 -19.90 11.03 23.13
C GLN A 103 -18.54 10.56 22.63
N VAL A 104 -17.68 11.48 22.30
CA VAL A 104 -16.28 11.16 21.94
C VAL A 104 -15.42 12.01 22.81
N ASP A 105 -14.58 11.45 23.61
CA ASP A 105 -13.59 12.21 24.40
C ASP A 105 -12.25 12.12 23.68
N LEU A 106 -11.68 13.22 23.33
CA LEU A 106 -10.35 13.29 22.70
C LEU A 106 -9.37 13.79 23.76
N VAL A 107 -8.25 13.10 23.92
CA VAL A 107 -7.26 13.44 24.96
C VAL A 107 -5.91 13.55 24.29
N GLU A 108 -5.47 14.78 24.12
CA GLU A 108 -4.25 15.16 23.34
C GLU A 108 -3.35 15.96 24.28
N ILE A 109 -2.12 15.53 24.48
CA ILE A 109 -1.16 16.18 25.40
C ILE A 109 -0.74 17.57 24.95
N ASP A 110 -0.72 17.90 23.64
CA ASP A 110 -0.16 19.15 23.07
C ASP A 110 -1.30 20.00 22.51
N GLY A 111 -1.86 20.91 23.32
CA GLY A 111 -2.90 21.89 22.95
C GLY A 111 -2.51 22.73 21.77
N ARG A 112 -1.22 22.95 21.47
CA ARG A 112 -0.83 23.72 20.26
C ARG A 112 -1.14 22.91 18.99
N VAL A 113 -1.11 21.57 19.00
CA VAL A 113 -1.44 20.78 17.79
C VAL A 113 -2.92 20.95 17.47
N VAL A 114 -3.79 20.90 18.47
CA VAL A 114 -5.27 21.10 18.30
C VAL A 114 -5.56 22.53 17.78
N GLU A 115 -5.03 23.56 18.43
CA GLU A 115 -5.24 24.98 18.04
C GLU A 115 -4.78 25.19 16.58
N LEU A 116 -3.55 24.80 16.24
CA LEU A 116 -2.95 25.01 14.90
C LEU A 116 -3.72 24.17 13.91
N SER A 117 -4.25 23.01 14.30
CA SER A 117 -5.00 22.16 13.35
C SER A 117 -6.39 22.76 13.10
N GLN A 118 -7.00 23.29 14.14
CA GLN A 118 -8.31 24.00 14.05
C GLN A 118 -8.18 25.30 13.22
N GLU A 119 -7.04 26.00 13.33
CA GLU A 119 -6.78 27.27 12.58
C GLU A 119 -6.42 27.02 11.10
N TYR A 120 -5.62 26.02 10.75
CA TYR A 120 -5.10 25.86 9.38
C TYR A 120 -5.63 24.61 8.71
N LEU A 121 -6.01 23.55 9.44
CA LEU A 121 -6.33 22.21 8.86
C LEU A 121 -7.81 21.88 9.08
N GLY A 122 -8.66 22.91 9.21
CA GLY A 122 -10.15 22.84 9.15
C GLY A 122 -10.69 21.94 8.02
N ALA A 123 -10.01 21.79 6.86
CA ALA A 123 -10.52 20.95 5.74
C ALA A 123 -10.34 19.48 6.10
N ILE A 124 -9.59 19.15 7.13
CA ILE A 124 -9.42 17.77 7.64
C ILE A 124 -10.30 17.60 8.87
N GLY A 125 -10.13 18.49 9.85
CA GLY A 125 -10.99 18.51 11.06
C GLY A 125 -12.30 19.27 10.84
N THR A 126 -13.31 18.61 10.27
CA THR A 126 -14.63 19.18 9.88
C THR A 126 -15.62 18.99 11.03
N ALA A 127 -15.24 18.34 12.13
CA ALA A 127 -16.20 17.99 13.19
C ALA A 127 -15.89 18.65 14.55
N TRP A 128 -14.94 19.59 14.69
CA TRP A 128 -14.62 20.31 15.97
C TRP A 128 -15.86 20.86 16.70
N ALA A 129 -16.91 21.20 15.99
CA ALA A 129 -18.10 21.89 16.55
C ALA A 129 -19.20 20.85 16.84
N ASP A 130 -18.96 19.58 16.62
CA ASP A 130 -20.00 18.56 16.82
C ASP A 130 -20.22 18.53 18.34
N PRO A 131 -21.44 18.83 18.87
CA PRO A 131 -21.66 18.92 20.33
C PRO A 131 -21.39 17.56 21.06
N ARG A 132 -21.24 16.43 20.36
CA ARG A 132 -20.83 15.12 20.95
C ARG A 132 -19.33 15.06 21.24
N LEU A 133 -18.51 16.02 20.82
CA LEU A 133 -17.05 15.89 20.96
C LEU A 133 -16.58 16.71 22.15
N ASN A 134 -15.80 16.11 23.01
CA ASN A 134 -15.22 16.80 24.19
C ASN A 134 -13.71 16.66 24.10
N VAL A 135 -13.08 17.78 23.97
CA VAL A 135 -11.66 17.88 23.76
C VAL A 135 -11.02 18.17 25.12
N LYS A 136 -10.12 17.33 25.58
CA LYS A 136 -9.35 17.46 26.84
C LYS A 136 -7.85 17.48 26.48
N ILE A 137 -7.15 18.50 26.95
CA ILE A 137 -5.68 18.69 26.83
C ILE A 137 -5.08 18.04 28.08
N GLY A 138 -4.32 16.97 27.92
CA GLY A 138 -3.72 16.19 29.00
C GLY A 138 -3.07 14.90 28.52
N ASP A 139 -2.42 14.19 29.44
CA ASP A 139 -1.67 12.96 29.16
C ASP A 139 -2.69 11.85 28.95
N GLY A 140 -2.69 11.23 27.74
CA GLY A 140 -3.58 10.13 27.37
C GLY A 140 -3.36 8.86 28.17
N ILE A 141 -2.10 8.59 28.52
CA ILE A 141 -1.64 7.40 29.29
C ILE A 141 -2.24 7.51 30.71
N ALA A 142 -2.06 8.64 31.40
CA ALA A 142 -2.60 8.91 32.74
C ALA A 142 -4.13 8.79 32.61
N PHE A 143 -4.71 9.27 31.53
CA PHE A 143 -6.19 9.31 31.46
C PHE A 143 -6.74 7.87 31.58
N VAL A 144 -6.22 6.91 30.80
CA VAL A 144 -6.71 5.51 30.83
C VAL A 144 -6.37 4.81 32.13
N GLN A 145 -5.38 5.23 32.87
CA GLN A 145 -4.99 4.68 34.17
C GLN A 145 -6.00 5.18 35.19
N THR A 146 -6.56 6.36 34.98
CA THR A 146 -7.42 7.09 35.95
C THR A 146 -8.92 6.94 35.57
N ALA A 147 -9.26 6.41 34.42
CA ALA A 147 -10.65 6.29 33.89
C ALA A 147 -11.38 5.16 34.60
N PRO A 148 -12.73 5.22 34.71
CA PRO A 148 -13.54 4.14 35.28
C PRO A 148 -13.45 2.82 34.50
N ASP A 149 -13.58 1.68 35.20
CA ASP A 149 -13.77 0.33 34.59
C ASP A 149 -14.97 0.44 33.62
N ALA A 150 -14.83 -0.25 32.50
CA ALA A 150 -15.89 -0.51 31.50
C ALA A 150 -16.60 0.81 31.20
N SER A 151 -15.87 1.88 30.83
CA SER A 151 -16.50 3.20 30.61
C SER A 151 -16.58 3.56 29.12
N TYR A 152 -15.83 2.91 28.22
CA TYR A 152 -15.83 3.26 26.77
C TYR A 152 -16.10 2.03 25.90
N ASP A 153 -16.91 2.17 24.83
CA ASP A 153 -17.13 1.07 23.85
C ASP A 153 -15.93 0.87 22.89
N VAL A 154 -15.17 1.93 22.60
CA VAL A 154 -14.05 1.90 21.65
C VAL A 154 -12.95 2.75 22.22
N ILE A 155 -11.74 2.29 22.08
CA ILE A 155 -10.56 3.09 22.43
C ILE A 155 -9.67 3.17 21.18
N LEU A 156 -9.32 4.36 20.69
CA LEU A 156 -8.49 4.51 19.49
C LEU A 156 -7.25 5.27 19.87
N VAL A 157 -6.09 4.67 19.74
CA VAL A 157 -4.79 5.39 19.89
C VAL A 157 -4.43 5.92 18.50
N ASP A 158 -4.36 7.23 18.40
CA ASP A 158 -4.01 8.02 17.22
C ASP A 158 -2.78 8.83 17.56
N GLY A 159 -1.67 8.12 17.72
CA GLY A 159 -0.34 8.67 18.12
C GLY A 159 0.68 7.54 18.25
N SER A 160 1.97 7.86 18.51
CA SER A 160 3.08 6.84 18.64
C SER A 160 4.37 7.46 19.26
N GLY A 165 9.13 1.84 25.40
CA GLY A 165 8.22 2.88 24.87
C GLY A 165 7.06 3.14 25.82
N LEU A 166 6.37 4.29 25.71
CA LEU A 166 5.32 4.79 26.67
C LEU A 166 3.98 4.05 26.48
N PHE A 167 3.67 3.53 25.27
CA PHE A 167 2.58 2.51 25.07
C PHE A 167 3.12 1.09 25.43
N ASN A 168 3.25 0.86 26.75
CA ASN A 168 3.72 -0.41 27.32
C ASN A 168 2.54 -1.28 27.76
N ARG A 169 2.88 -2.42 28.27
CA ARG A 169 1.89 -3.42 28.70
C ARG A 169 0.86 -2.85 29.71
N GLU A 170 1.25 -2.04 30.69
CA GLU A 170 0.37 -1.54 31.76
C GLU A 170 -0.65 -0.65 31.09
N PHE A 171 -0.23 0.14 30.10
CA PHE A 171 -1.16 1.00 29.33
C PHE A 171 -2.23 0.12 28.67
N TYR A 172 -1.85 -0.93 27.96
CA TYR A 172 -2.79 -1.78 27.20
C TYR A 172 -3.69 -2.52 28.17
N GLU A 173 -3.19 -3.02 29.28
CA GLU A 173 -4.05 -3.59 30.38
C GLU A 173 -5.10 -2.58 30.88
N ASN A 174 -4.74 -1.30 31.08
CA ASN A 174 -5.75 -0.28 31.46
C ASN A 174 -6.82 -0.15 30.36
N CYS A 175 -6.41 -0.22 29.11
CA CYS A 175 -7.30 -0.08 27.94
C CYS A 175 -8.32 -1.19 28.09
N ARG A 176 -7.91 -2.41 28.42
CA ARG A 176 -8.83 -3.61 28.46
C ARG A 176 -9.77 -3.40 29.62
N ARG A 177 -9.23 -3.06 30.78
CA ARG A 177 -10.03 -2.62 31.95
C ARG A 177 -11.09 -1.55 31.59
N VAL A 178 -10.69 -0.47 30.92
CA VAL A 178 -11.62 0.65 30.60
C VAL A 178 -12.60 0.25 29.48
N LEU A 179 -12.33 -0.76 28.68
CA LEU A 179 -13.25 -1.07 27.57
C LEU A 179 -14.53 -1.73 28.15
N LYS A 180 -15.68 -1.48 27.58
CA LYS A 180 -16.94 -2.17 27.97
C LYS A 180 -16.97 -3.54 27.30
N PRO A 181 -17.76 -4.52 27.83
CA PRO A 181 -17.98 -5.77 27.11
C PRO A 181 -18.49 -5.52 25.69
N GLY A 182 -17.89 -6.29 24.80
CA GLY A 182 -18.11 -6.16 23.36
C GLY A 182 -17.24 -5.11 22.69
N GLY A 183 -16.37 -4.41 23.44
CA GLY A 183 -15.68 -3.21 22.97
C GLY A 183 -14.43 -3.53 22.20
N VAL A 184 -13.87 -2.55 21.50
CA VAL A 184 -12.73 -2.68 20.60
C VAL A 184 -11.70 -1.65 20.95
N PHE A 185 -10.47 -2.12 20.92
CA PHE A 185 -9.25 -1.29 20.97
C PHE A 185 -8.65 -1.28 19.57
N ALA A 186 -8.16 -0.13 19.11
CA ALA A 186 -7.39 -0.10 17.86
C ALA A 186 -6.35 0.96 17.91
N SER A 187 -5.20 0.68 17.34
CA SER A 187 -4.16 1.70 17.05
C SER A 187 -3.34 1.44 15.79
N GLN A 188 -2.62 2.43 15.32
CA GLN A 188 -1.56 2.27 14.32
C GLN A 188 -0.56 1.25 14.85
N ALA A 189 0.08 0.53 13.94
CA ALA A 189 0.96 -0.58 14.37
C ALA A 189 2.26 -0.55 13.55
N GLU A 190 2.65 0.64 13.14
CA GLU A 190 3.90 0.98 12.38
C GLU A 190 3.87 0.29 11.02
N SER A 191 5.02 0.18 10.34
CA SER A 191 5.22 -0.43 9.00
C SER A 191 5.76 -1.82 9.17
N PRO A 192 5.15 -2.80 8.49
CA PRO A 192 5.78 -4.11 8.43
C PRO A 192 7.05 -4.03 7.58
N ASP A 193 7.24 -2.97 6.77
CA ASP A 193 8.42 -2.84 5.88
C ASP A 193 9.50 -2.16 6.76
N SER A 194 9.23 -0.97 7.26
CA SER A 194 10.25 -0.09 7.91
C SER A 194 10.44 -0.38 9.40
N PHE A 195 9.46 -1.01 10.09
CA PHE A 195 9.55 -1.25 11.55
C PHE A 195 9.04 -2.64 11.93
N LEU A 196 9.51 -3.68 11.27
CA LEU A 196 8.91 -5.00 11.39
C LEU A 196 8.99 -5.49 12.83
N ALA A 197 10.19 -5.43 13.40
CA ALA A 197 10.41 -5.95 14.75
C ALA A 197 9.42 -5.29 15.73
N VAL A 198 9.23 -3.98 15.66
CA VAL A 198 8.27 -3.27 16.58
C VAL A 198 6.87 -3.69 16.18
N HIS A 199 6.60 -3.82 14.89
CA HIS A 199 5.29 -4.36 14.45
C HIS A 199 4.95 -5.68 15.17
N LEU A 200 5.81 -6.64 15.10
CA LEU A 200 5.55 -7.98 15.67
C LEU A 200 5.42 -7.89 17.19
N GLU A 201 6.20 -7.03 17.83
CA GLU A 201 6.22 -6.93 19.30
C GLU A 201 4.89 -6.36 19.76
N MET A 202 4.36 -5.44 19.01
CA MET A 202 3.06 -4.84 19.40
C MET A 202 1.96 -5.90 19.29
N ILE A 203 1.97 -6.70 18.22
CA ILE A 203 0.98 -7.82 18.05
C ILE A 203 1.08 -8.77 19.23
N GLU A 204 2.30 -9.12 19.62
CA GLU A 204 2.52 -10.06 20.73
C GLU A 204 2.04 -9.42 22.03
N THR A 205 2.41 -8.16 22.31
CA THR A 205 1.93 -7.45 23.55
C THR A 205 0.39 -7.47 23.60
N LEU A 206 -0.31 -6.99 22.57
CA LEU A 206 -1.81 -6.94 22.60
C LEU A 206 -2.42 -8.36 22.66
N SER A 207 -1.80 -9.37 22.04
CA SER A 207 -2.25 -10.78 22.06
C SER A 207 -2.16 -11.31 23.46
N ALA A 208 -1.17 -10.90 24.24
CA ALA A 208 -1.08 -11.34 25.65
C ALA A 208 -2.17 -10.64 26.47
N VAL A 209 -2.53 -9.39 26.19
CA VAL A 209 -3.50 -8.68 27.06
C VAL A 209 -4.93 -9.06 26.70
N PHE A 210 -5.31 -9.00 25.45
CA PHE A 210 -6.71 -9.26 25.01
C PHE A 210 -6.88 -10.75 24.59
N ALA A 211 -8.11 -11.23 24.46
CA ALA A 211 -8.41 -12.61 23.95
C ALA A 211 -8.02 -12.73 22.48
N GLU A 212 -8.17 -11.67 21.68
CA GLU A 212 -7.67 -11.63 20.28
C GLU A 212 -7.12 -10.24 19.86
N ALA A 213 -6.02 -10.25 19.12
CA ALA A 213 -5.35 -9.09 18.54
C ALA A 213 -4.94 -9.44 17.10
N LYS A 214 -5.41 -8.65 16.16
CA LYS A 214 -5.17 -8.93 14.75
C LYS A 214 -4.60 -7.71 14.11
N PRO A 215 -3.50 -7.84 13.34
CA PRO A 215 -3.05 -6.71 12.54
C PRO A 215 -3.86 -6.61 11.24
N TYR A 216 -3.83 -5.41 10.67
CA TYR A 216 -4.39 -5.11 9.34
C TYR A 216 -3.60 -4.00 8.72
N TYR A 217 -3.67 -3.95 7.40
CA TYR A 217 -2.67 -3.34 6.49
C TYR A 217 -3.30 -2.42 5.45
N GLY A 218 -2.58 -1.33 5.14
CA GLY A 218 -3.03 -0.30 4.17
C GLY A 218 -1.92 0.65 3.83
N TRP A 219 -2.31 1.85 3.37
CA TRP A 219 -1.37 2.75 2.65
C TRP A 219 -1.33 4.12 3.35
N VAL A 220 -0.15 4.59 3.72
CA VAL A 220 0.02 6.02 3.99
C VAL A 220 1.30 6.48 3.31
N PRO A 221 1.16 7.09 2.11
CA PRO A 221 2.28 7.49 1.26
C PRO A 221 3.29 8.37 1.99
N MET A 222 2.84 9.18 2.98
CA MET A 222 3.77 10.13 3.70
C MET A 222 4.45 9.46 4.90
N TYR A 223 4.12 8.23 5.27
CA TYR A 223 4.81 7.48 6.35
C TYR A 223 5.90 6.62 5.75
N PRO A 224 6.93 6.30 6.55
CA PRO A 224 8.11 5.55 6.06
C PRO A 224 7.71 4.30 5.33
N SER A 225 8.00 4.25 4.02
CA SER A 225 7.79 3.11 3.11
C SER A 225 6.40 3.19 2.42
N GLY A 226 5.46 3.93 3.04
CA GLY A 226 4.08 4.08 2.57
C GLY A 226 3.20 2.90 2.90
N TRP A 227 3.83 1.84 3.38
CA TRP A 227 3.20 0.54 3.77
C TRP A 227 2.94 0.55 5.30
N TRP A 228 1.72 0.86 5.69
CA TRP A 228 1.35 1.08 7.11
C TRP A 228 0.38 -0.01 7.60
N SER A 229 0.20 -0.04 8.91
CA SER A 229 -0.60 -1.10 9.59
C SER A 229 -1.26 -0.52 10.86
N TRP A 230 -2.25 -1.29 11.34
CA TRP A 230 -3.10 -1.03 12.54
C TRP A 230 -3.22 -2.37 13.26
N LEU A 231 -3.71 -2.36 14.46
CA LEU A 231 -3.91 -3.51 15.36
C LEU A 231 -5.29 -3.36 15.95
N TYR A 232 -6.08 -4.40 15.79
CA TYR A 232 -7.43 -4.58 16.37
C TYR A 232 -7.30 -5.59 17.49
N ALA A 233 -7.91 -5.26 18.63
CA ALA A 233 -7.93 -6.12 19.80
C ALA A 233 -9.32 -6.08 20.46
N SER A 234 -9.85 -7.21 20.83
CA SER A 234 -11.11 -7.34 21.59
C SER A 234 -11.05 -8.60 22.42
N ASP A 235 -12.03 -8.78 23.28
CA ASP A 235 -12.11 -9.97 24.11
C ASP A 235 -13.16 -10.91 23.54
N THR A 236 -13.59 -10.74 22.29
CA THR A 236 -14.32 -11.77 21.50
C THR A 236 -13.53 -12.19 20.24
N PRO A 237 -13.03 -13.44 20.21
CA PRO A 237 -12.42 -14.01 19.01
C PRO A 237 -13.38 -13.96 17.82
N GLY A 238 -12.89 -13.55 16.67
CA GLY A 238 -13.64 -13.48 15.39
C GLY A 238 -14.49 -12.21 15.29
N GLN A 239 -14.51 -11.38 16.30
CA GLN A 239 -15.29 -10.10 16.21
C GLN A 239 -14.77 -9.23 15.08
N PHE A 240 -13.48 -9.19 14.87
CA PHE A 240 -12.87 -8.33 13.80
C PHE A 240 -13.46 -8.60 12.39
N GLN A 241 -14.01 -9.78 12.14
CA GLN A 241 -14.52 -10.17 10.81
C GLN A 241 -16.01 -9.94 10.66
N LYS A 242 -16.69 -9.42 11.68
CA LYS A 242 -18.13 -9.36 11.68
C LYS A 242 -18.62 -7.95 11.81
N PRO A 243 -18.43 -7.06 10.82
CA PRO A 243 -19.07 -5.75 10.86
C PRO A 243 -20.59 -5.86 10.78
N GLN A 244 -21.26 -4.88 11.38
CA GLN A 244 -22.70 -4.80 11.48
C GLN A 244 -23.17 -4.29 10.13
N SER A 245 -24.10 -5.03 9.53
CA SER A 245 -24.71 -4.67 8.24
C SER A 245 -25.19 -3.24 8.27
N ASP A 246 -25.97 -2.88 9.26
CA ASP A 246 -26.61 -1.54 9.30
C ASP A 246 -25.56 -0.43 9.42
N ARG A 247 -24.53 -0.60 10.22
CA ARG A 247 -23.38 0.35 10.25
C ARG A 247 -22.64 0.46 8.88
N LEU A 248 -22.37 -0.65 8.20
CA LEU A 248 -21.72 -0.66 6.86
C LEU A 248 -22.59 0.06 5.86
N ALA A 249 -23.85 -0.32 5.72
CA ALA A 249 -24.80 0.33 4.81
C ALA A 249 -24.80 1.83 5.09
N ALA A 250 -24.72 2.31 6.33
CA ALA A 250 -24.74 3.76 6.65
C ALA A 250 -23.40 4.43 6.31
N ILE A 251 -22.28 3.76 6.54
CA ILE A 251 -20.96 4.44 6.45
C ILE A 251 -20.45 4.42 5.00
N GLU A 252 -20.72 3.35 4.25
CA GLU A 252 -20.03 3.11 2.94
C GLU A 252 -20.22 4.32 2.03
N PRO A 253 -21.46 4.85 1.89
CA PRO A 253 -21.73 5.98 1.00
C PRO A 253 -21.07 7.29 1.47
N GLN A 254 -20.51 7.42 2.69
CA GLN A 254 -19.91 8.69 3.21
C GLN A 254 -18.36 8.70 3.20
N VAL A 255 -17.66 7.60 2.88
CA VAL A 255 -16.18 7.46 2.95
C VAL A 255 -15.58 7.15 1.57
N GLU A 256 -14.34 7.50 1.41
CA GLU A 256 -13.58 7.55 0.18
C GLU A 256 -12.98 6.16 -0.18
N ILE A 257 -12.68 5.33 0.86
CA ILE A 257 -11.97 4.05 0.76
C ILE A 257 -12.76 2.85 1.32
N TYR A 258 -13.02 2.86 2.65
CA TYR A 258 -13.58 1.75 3.44
C TYR A 258 -14.89 1.15 2.85
N ASN A 259 -14.98 -0.17 2.78
CA ASN A 259 -16.24 -0.89 2.45
C ASN A 259 -16.09 -2.29 3.03
N ARG A 260 -17.14 -3.09 2.94
CA ARG A 260 -17.18 -4.51 3.39
C ARG A 260 -16.00 -5.36 2.83
N ASP A 261 -15.47 -5.10 1.61
CA ASP A 261 -14.40 -5.92 0.99
C ASP A 261 -13.05 -5.44 1.53
N ILE A 262 -12.79 -4.12 1.54
CA ILE A 262 -11.59 -3.50 2.17
C ILE A 262 -11.54 -3.98 3.61
N HIS A 263 -12.68 -4.06 4.33
CA HIS A 263 -12.66 -4.50 5.73
C HIS A 263 -12.10 -5.93 5.84
N GLN A 264 -12.63 -6.87 5.08
CA GLN A 264 -12.09 -8.25 5.14
C GLN A 264 -10.63 -8.25 4.63
N ALA A 265 -10.32 -7.47 3.60
CA ALA A 265 -9.02 -7.58 2.87
C ALA A 265 -7.91 -7.18 3.81
N ALA A 266 -8.12 -6.10 4.52
CA ALA A 266 -7.01 -5.48 5.24
C ALA A 266 -6.36 -6.44 6.25
N PHE A 267 -7.06 -7.42 6.74
CA PHE A 267 -6.57 -8.37 7.75
C PHE A 267 -5.82 -9.53 7.10
N ALA A 268 -5.64 -9.62 5.79
CA ALA A 268 -4.86 -10.71 5.22
C ALA A 268 -3.39 -10.47 5.59
N GLN A 269 -2.72 -11.46 6.10
CA GLN A 269 -1.32 -11.31 6.53
C GLN A 269 -0.34 -11.80 5.48
N PRO A 270 0.69 -10.99 5.17
CA PRO A 270 1.75 -11.41 4.30
C PRO A 270 2.45 -12.60 4.97
N ASN A 271 2.93 -13.51 4.20
CA ASN A 271 3.67 -14.68 4.72
C ASN A 271 4.75 -14.22 5.75
N PHE A 272 5.52 -13.17 5.49
CA PHE A 272 6.62 -12.78 6.41
C PHE A 272 6.10 -12.41 7.83
N VAL A 273 4.93 -11.75 7.92
CA VAL A 273 4.24 -11.53 9.23
C VAL A 273 3.83 -12.84 9.86
N ARG A 274 3.18 -13.73 9.12
CA ARG A 274 2.72 -15.00 9.71
C ARG A 274 3.95 -15.77 10.26
N ARG A 275 5.05 -15.79 9.54
CA ARG A 275 6.27 -16.49 9.92
C ARG A 275 6.86 -15.80 11.16
N GLY A 276 7.00 -14.49 11.20
CA GLY A 276 7.59 -13.80 12.36
C GLY A 276 6.82 -14.09 13.64
N LEU A 277 5.49 -14.19 13.51
CA LEU A 277 4.62 -14.54 14.64
C LEU A 277 4.78 -16.00 14.99
N SER A 278 4.85 -16.92 14.04
CA SER A 278 4.95 -18.31 14.49
C SER A 278 6.33 -18.64 15.08
N ALA A 279 7.42 -18.02 14.65
CA ALA A 279 8.78 -18.16 15.25
C ALA A 279 8.70 -17.96 16.77
N ARG A 280 7.82 -17.11 17.27
CA ARG A 280 7.73 -16.85 18.73
C ARG A 280 6.63 -17.58 19.49
N GLN A 281 5.80 -18.38 18.84
CA GLN A 281 4.72 -19.15 19.49
C GLN A 281 5.31 -20.23 20.40
N PRO B 1 28.54 8.67 0.07
CA PRO B 1 27.24 8.36 -0.54
C PRO B 1 26.40 9.63 -0.92
N VAL B 2 25.48 9.48 -1.86
CA VAL B 2 24.70 10.60 -2.44
C VAL B 2 23.26 10.16 -2.30
N TRP B 3 22.33 11.10 -2.19
CA TRP B 3 20.88 10.87 -2.34
C TRP B 3 20.62 10.57 -3.81
N ILE B 4 20.00 9.44 -4.10
CA ILE B 4 19.51 9.04 -5.43
C ILE B 4 17.98 9.21 -5.34
N ASP B 5 17.40 10.24 -6.01
CA ASP B 5 15.95 10.52 -5.91
C ASP B 5 15.17 10.11 -7.18
N GLU B 6 13.98 9.57 -7.03
CA GLU B 6 12.95 9.69 -8.07
C GLU B 6 12.12 10.91 -7.73
N VAL B 7 12.12 11.89 -8.59
CA VAL B 7 11.27 13.13 -8.50
C VAL B 7 10.01 13.00 -9.36
N PHE B 8 8.88 13.12 -8.70
CA PHE B 8 7.50 12.96 -9.22
C PHE B 8 6.88 14.37 -9.31
N GLU B 9 6.93 14.84 -10.55
CA GLU B 9 6.32 16.05 -11.16
C GLU B 9 6.66 17.27 -10.35
N ASP B 10 7.91 17.30 -9.89
CA ASP B 10 8.46 18.44 -9.10
C ASP B 10 7.64 18.70 -7.83
N ARG B 11 6.97 17.68 -7.29
CA ARG B 11 5.99 17.84 -6.18
C ARG B 11 6.33 16.86 -5.04
N VAL B 12 6.69 15.66 -5.43
CA VAL B 12 7.00 14.49 -4.55
C VAL B 12 8.40 13.96 -4.92
N ARG B 13 9.20 13.63 -3.90
CA ARG B 13 10.47 12.90 -4.14
C ARG B 13 10.67 11.77 -3.13
N TYR B 14 11.22 10.68 -3.65
CA TYR B 14 11.66 9.48 -2.87
C TYR B 14 13.13 9.23 -3.17
N GLY B 15 13.99 9.33 -2.15
CA GLY B 15 15.45 9.18 -2.29
C GLY B 15 15.97 8.01 -1.43
N LEU B 16 17.04 7.35 -1.90
CA LEU B 16 17.82 6.36 -1.13
C LEU B 16 19.28 6.83 -1.13
N ARG B 17 19.88 6.92 0.03
CA ARG B 17 21.35 7.08 0.19
C ARG B 17 22.03 5.88 -0.49
N GLY B 18 22.89 6.15 -1.41
CA GLY B 18 23.80 5.08 -1.86
C GLY B 18 24.83 5.53 -2.89
N GLN B 19 25.32 4.62 -3.72
CA GLN B 19 26.34 4.97 -4.71
C GLN B 19 25.96 4.42 -6.07
N ILE B 20 26.39 5.17 -7.08
CA ILE B 20 26.24 4.86 -8.52
C ILE B 20 27.35 3.90 -8.95
N LEU B 21 27.00 2.70 -9.41
CA LEU B 21 27.97 1.67 -9.84
C LEU B 21 28.19 1.77 -11.34
N TRP B 22 27.21 2.14 -12.11
CA TRP B 22 27.26 2.13 -13.58
C TRP B 22 26.12 3.02 -14.11
N GLU B 23 26.42 3.85 -15.08
CA GLU B 23 25.36 4.63 -15.78
C GLU B 23 25.66 4.71 -17.26
N GLU B 24 24.65 4.55 -18.13
CA GLU B 24 24.81 4.78 -19.56
C GLU B 24 23.50 5.24 -20.17
N THR B 25 23.56 5.76 -21.40
CA THR B 25 22.31 6.06 -22.14
C THR B 25 22.32 5.05 -23.29
N SER B 26 21.31 4.19 -23.34
CA SER B 26 21.15 3.22 -24.45
C SER B 26 20.40 3.95 -25.59
N PRO B 27 20.12 3.27 -26.72
CA PRO B 27 19.27 3.81 -27.78
C PRO B 27 17.84 4.05 -27.24
N PHE B 28 17.48 3.52 -26.09
CA PHE B 28 16.10 3.68 -25.55
C PHE B 28 16.01 4.54 -24.27
N GLN B 29 17.03 4.64 -23.41
CA GLN B 29 16.76 5.18 -22.03
C GLN B 29 18.05 5.23 -21.25
N LYS B 30 18.05 6.07 -20.20
CA LYS B 30 19.20 6.18 -19.28
C LYS B 30 19.09 5.01 -18.27
N ILE B 31 20.14 4.22 -18.11
CA ILE B 31 20.17 3.05 -17.20
C ILE B 31 21.12 3.43 -16.07
N THR B 32 20.62 3.36 -14.83
CA THR B 32 21.45 3.63 -13.62
C THR B 32 21.44 2.37 -12.70
N ILE B 33 22.62 1.73 -12.48
CA ILE B 33 22.80 0.66 -11.48
C ILE B 33 23.39 1.32 -10.26
N VAL B 34 22.80 1.05 -9.12
CA VAL B 34 23.23 1.69 -7.86
C VAL B 34 23.45 0.56 -6.82
N ASP B 35 24.16 0.89 -5.77
CA ASP B 35 24.05 0.22 -4.47
C ASP B 35 23.43 1.19 -3.47
N THR B 36 22.43 0.77 -2.70
CA THR B 36 21.75 1.58 -1.68
C THR B 36 21.95 0.94 -0.29
N GLU B 37 22.16 1.80 0.71
CA GLU B 37 22.30 1.39 2.10
C GLU B 37 21.02 0.66 2.50
N HIS B 38 19.85 1.14 2.11
CA HIS B 38 18.58 0.68 2.71
C HIS B 38 18.10 -0.60 2.02
N TYR B 39 18.20 -0.72 0.68
CA TYR B 39 17.64 -1.87 -0.03
C TYR B 39 18.68 -2.62 -0.89
N GLY B 40 19.98 -2.35 -0.76
CA GLY B 40 21.02 -2.98 -1.58
C GLY B 40 20.99 -2.53 -3.04
N ARG B 41 21.40 -3.43 -3.94
CA ARG B 41 21.70 -3.02 -5.36
C ARG B 41 20.35 -2.80 -6.08
N GLY B 42 20.28 -1.72 -6.85
CA GLY B 42 19.08 -1.51 -7.67
C GLY B 42 19.32 -0.89 -9.06
N LEU B 43 18.22 -0.54 -9.71
CA LEU B 43 18.12 -0.13 -11.10
C LEU B 43 17.14 1.07 -11.19
N LEU B 44 17.63 2.16 -11.79
CA LEU B 44 16.77 3.24 -12.28
C LEU B 44 16.80 3.22 -13.81
N LEU B 45 15.66 3.53 -14.42
CA LEU B 45 15.59 3.81 -15.86
C LEU B 45 15.04 5.24 -16.03
N ASP B 46 15.70 6.10 -16.79
CA ASP B 46 15.36 7.53 -16.87
C ASP B 46 15.07 8.13 -15.49
N ASP B 47 15.87 7.81 -14.45
CA ASP B 47 15.74 8.35 -13.08
C ASP B 47 14.45 7.99 -12.43
N CYS B 48 13.85 6.85 -12.77
CA CYS B 48 12.70 6.27 -12.06
C CYS B 48 13.17 4.92 -11.48
N TRP B 49 12.91 4.69 -10.19
CA TRP B 49 13.21 3.41 -9.49
C TRP B 49 12.46 2.27 -10.15
N MET B 50 13.20 1.26 -10.55
CA MET B 50 12.65 0.02 -11.15
C MET B 50 12.62 -1.09 -10.11
N THR B 51 13.79 -1.34 -9.48
CA THR B 51 13.98 -2.53 -8.62
C THR B 51 15.17 -2.31 -7.67
N ALA B 52 15.18 -3.13 -6.64
CA ALA B 52 16.32 -3.29 -5.69
C ALA B 52 16.27 -4.67 -5.02
N GLU B 53 17.43 -5.20 -4.64
CA GLU B 53 17.61 -6.52 -4.01
C GLU B 53 16.61 -6.69 -2.88
N ARG B 54 16.34 -5.70 -2.05
CA ARG B 54 15.47 -5.97 -0.89
C ARG B 54 14.23 -5.13 -1.04
N CYS B 55 13.90 -4.65 -2.26
CA CYS B 55 12.56 -4.08 -2.43
C CYS B 55 12.11 -4.52 -3.81
N GLU B 56 11.81 -5.79 -3.96
CA GLU B 56 11.45 -6.27 -5.30
C GLU B 56 10.33 -7.33 -5.24
N VAL B 57 10.27 -8.10 -4.18
CA VAL B 57 9.25 -9.19 -4.05
C VAL B 57 7.86 -8.60 -3.97
N CYS B 58 7.69 -7.46 -3.33
CA CYS B 58 6.38 -6.82 -3.29
C CYS B 58 5.90 -6.55 -4.74
N TYR B 59 6.73 -6.34 -5.75
CA TYR B 59 6.26 -6.06 -7.11
C TYR B 59 6.13 -7.38 -7.87
N HIS B 60 7.18 -8.19 -7.82
CA HIS B 60 7.25 -9.41 -8.63
C HIS B 60 6.26 -10.46 -8.20
N GLU B 61 6.01 -10.62 -6.91
CA GLU B 61 5.03 -11.62 -6.49
C GLU B 61 3.59 -11.21 -6.92
N TYR B 62 3.28 -9.94 -6.90
CA TYR B 62 1.96 -9.44 -7.25
C TYR B 62 1.72 -9.54 -8.74
N LEU B 63 2.68 -9.16 -9.56
CA LEU B 63 2.49 -9.24 -10.99
C LEU B 63 2.27 -10.72 -11.31
N VAL B 64 2.98 -11.63 -10.71
CA VAL B 64 3.04 -12.99 -11.29
C VAL B 64 1.98 -13.94 -10.71
N HIS B 65 1.81 -14.02 -9.41
CA HIS B 65 1.08 -15.16 -8.80
C HIS B 65 -0.40 -15.11 -9.11
N PRO B 66 -1.10 -13.97 -9.03
CA PRO B 66 -2.54 -14.02 -9.28
C PRO B 66 -2.94 -14.59 -10.68
N PRO B 67 -2.27 -14.17 -11.74
CA PRO B 67 -2.51 -14.86 -13.03
C PRO B 67 -2.02 -16.32 -13.06
N LEU B 68 -0.84 -16.61 -12.55
CA LEU B 68 -0.27 -17.97 -12.72
C LEU B 68 -1.11 -18.95 -11.89
N THR B 69 -1.71 -18.56 -10.76
CA THR B 69 -2.52 -19.44 -9.90
C THR B 69 -3.89 -19.70 -10.51
N THR B 70 -4.26 -18.95 -11.52
CA THR B 70 -5.72 -18.88 -11.93
C THR B 70 -5.91 -19.25 -13.40
N ALA B 71 -4.91 -19.15 -14.27
CA ALA B 71 -5.06 -19.46 -15.71
C ALA B 71 -5.35 -20.94 -15.82
N ALA B 72 -6.16 -21.34 -16.78
CA ALA B 72 -6.55 -22.75 -16.96
C ALA B 72 -5.31 -23.59 -17.23
N SER B 73 -4.42 -23.10 -18.07
CA SER B 73 -3.12 -23.77 -18.28
C SER B 73 -2.00 -22.72 -18.14
N ILE B 74 -0.77 -23.11 -17.76
CA ILE B 74 0.41 -22.22 -17.63
C ILE B 74 1.66 -22.79 -18.36
N ALA B 75 1.49 -23.55 -19.45
CA ALA B 75 2.61 -24.23 -20.14
C ALA B 75 3.44 -23.16 -20.84
N ARG B 76 2.81 -22.15 -21.46
CA ARG B 76 3.55 -21.10 -22.21
C ARG B 76 3.21 -19.70 -21.65
N VAL B 77 4.26 -19.02 -21.27
CA VAL B 77 4.15 -17.67 -20.71
C VAL B 77 5.02 -16.73 -21.52
N LEU B 78 4.45 -15.58 -21.83
CA LEU B 78 5.13 -14.48 -22.48
C LEU B 78 5.25 -13.35 -21.45
N VAL B 79 6.47 -12.90 -21.28
CA VAL B 79 6.83 -11.71 -20.44
C VAL B 79 7.37 -10.62 -21.34
N ILE B 80 6.72 -9.48 -21.34
CA ILE B 80 7.12 -8.26 -22.08
C ILE B 80 7.75 -7.30 -21.08
N GLY B 81 9.01 -6.90 -21.34
CA GLY B 81 9.78 -6.09 -20.40
C GLY B 81 10.51 -7.08 -19.51
N GLY B 82 10.57 -6.80 -18.25
CA GLY B 82 11.22 -7.79 -17.37
C GLY B 82 12.67 -8.00 -17.53
N GLY B 83 13.41 -6.98 -17.91
CA GLY B 83 14.86 -7.12 -18.12
C GLY B 83 15.65 -7.45 -16.87
N ASP B 84 15.15 -7.12 -15.66
CA ASP B 84 15.91 -7.31 -14.39
C ASP B 84 15.85 -8.77 -13.93
N GLY B 85 14.97 -9.54 -14.51
CA GLY B 85 14.91 -10.97 -14.25
C GLY B 85 13.89 -11.44 -13.19
N GLY B 86 13.32 -10.57 -12.35
CA GLY B 86 12.53 -10.98 -11.19
C GLY B 86 11.23 -11.58 -11.55
N THR B 87 10.62 -11.08 -12.65
CA THR B 87 9.30 -11.63 -13.11
C THR B 87 9.47 -13.12 -13.55
N VAL B 88 10.42 -13.40 -14.43
CA VAL B 88 10.65 -14.77 -14.93
C VAL B 88 11.08 -15.71 -13.78
N ARG B 89 11.80 -15.23 -12.78
CA ARG B 89 12.15 -16.04 -11.59
C ARG B 89 10.86 -16.53 -10.97
N GLU B 90 9.90 -15.62 -10.77
CA GLU B 90 8.61 -16.03 -10.12
C GLU B 90 7.88 -17.01 -11.02
N VAL B 91 7.88 -16.74 -12.35
CA VAL B 91 7.09 -17.59 -13.30
C VAL B 91 7.65 -19.04 -13.25
N LEU B 92 8.96 -19.14 -13.12
CA LEU B 92 9.68 -20.43 -13.28
C LEU B 92 9.62 -21.21 -11.99
N ARG B 93 8.94 -20.69 -10.97
CA ARG B 93 8.70 -21.50 -9.73
C ARG B 93 7.66 -22.60 -9.99
N TYR B 94 6.80 -22.43 -10.97
CA TYR B 94 5.77 -23.45 -11.34
C TYR B 94 6.34 -24.58 -12.22
N ALA B 95 6.13 -25.84 -11.79
CA ALA B 95 6.57 -27.06 -12.48
C ALA B 95 5.85 -27.18 -13.82
N GLU B 96 4.63 -26.72 -13.94
CA GLU B 96 3.84 -26.97 -15.15
C GLU B 96 4.22 -25.97 -16.20
N VAL B 97 4.98 -24.91 -15.87
CA VAL B 97 5.49 -24.04 -16.96
C VAL B 97 6.47 -24.81 -17.83
N GLU B 98 6.24 -24.80 -19.13
CA GLU B 98 7.15 -25.46 -20.13
C GLU B 98 7.97 -24.39 -20.86
N GLN B 99 7.49 -23.20 -21.11
CA GLN B 99 8.34 -22.26 -21.87
C GLN B 99 7.97 -20.86 -21.39
N VAL B 100 8.95 -19.98 -21.25
CA VAL B 100 8.85 -18.57 -20.93
C VAL B 100 9.68 -17.82 -21.92
N ASP B 101 8.97 -16.93 -22.63
CA ASP B 101 9.56 -16.04 -23.64
C ASP B 101 9.58 -14.67 -22.98
N LEU B 102 10.77 -14.07 -22.85
CA LEU B 102 11.02 -12.73 -22.29
C LEU B 102 11.46 -11.89 -23.46
N VAL B 103 10.62 -10.95 -23.80
CA VAL B 103 10.84 -9.96 -24.89
C VAL B 103 11.03 -8.58 -24.25
N GLU B 104 12.26 -8.16 -24.28
CA GLU B 104 12.75 -6.92 -23.65
C GLU B 104 13.32 -6.14 -24.80
N ILE B 105 12.98 -4.85 -24.95
CA ILE B 105 13.44 -3.99 -26.09
C ILE B 105 14.93 -3.66 -25.91
N ASP B 106 15.40 -3.52 -24.68
CA ASP B 106 16.72 -2.92 -24.38
C ASP B 106 17.65 -4.02 -23.87
N GLY B 107 18.50 -4.51 -24.75
CA GLY B 107 19.43 -5.57 -24.40
C GLY B 107 20.38 -5.15 -23.29
N ARG B 108 20.74 -3.87 -23.24
CA ARG B 108 21.66 -3.38 -22.18
C ARG B 108 21.00 -3.59 -20.80
N VAL B 109 19.68 -3.55 -20.71
CA VAL B 109 19.01 -3.76 -19.41
C VAL B 109 19.22 -5.19 -18.97
N VAL B 110 19.05 -6.15 -19.88
CA VAL B 110 19.31 -7.59 -19.55
C VAL B 110 20.78 -7.76 -19.15
N GLU B 111 21.69 -7.20 -19.91
CA GLU B 111 23.16 -7.42 -19.65
C GLU B 111 23.56 -6.82 -18.32
N LEU B 112 23.21 -5.57 -18.05
CA LEU B 112 23.58 -4.96 -16.75
C LEU B 112 22.85 -5.68 -15.59
N SER B 113 21.65 -6.18 -15.79
CA SER B 113 20.87 -6.88 -14.73
C SER B 113 21.51 -8.23 -14.44
N GLN B 114 22.05 -8.90 -15.47
CA GLN B 114 22.77 -10.20 -15.33
C GLN B 114 24.10 -9.99 -14.61
N GLU B 115 24.75 -8.85 -14.85
CA GLU B 115 26.06 -8.61 -14.30
C GLU B 115 25.90 -8.18 -12.84
N TYR B 116 24.95 -7.30 -12.53
CA TYR B 116 24.95 -6.64 -11.23
C TYR B 116 23.76 -7.13 -10.39
N LEU B 117 22.64 -7.54 -10.96
CA LEU B 117 21.41 -7.80 -10.14
C LEU B 117 21.06 -9.30 -10.18
N GLY B 118 22.10 -10.13 -10.20
CA GLY B 118 21.98 -11.62 -10.15
C GLY B 118 21.14 -12.08 -8.94
N ALA B 119 21.15 -11.27 -7.86
CA ALA B 119 20.43 -11.62 -6.62
C ALA B 119 18.92 -11.52 -6.81
N ILE B 120 18.43 -10.80 -7.78
CA ILE B 120 16.99 -10.70 -8.18
C ILE B 120 16.71 -11.68 -9.34
N GLY B 121 17.52 -11.59 -10.38
CA GLY B 121 17.45 -12.53 -11.50
C GLY B 121 18.23 -13.81 -11.24
N THR B 122 17.60 -14.69 -10.47
CA THR B 122 18.22 -15.96 -9.99
C THR B 122 17.89 -17.11 -10.99
N ALA B 123 17.12 -16.84 -12.03
CA ALA B 123 16.62 -17.94 -12.89
C ALA B 123 17.12 -17.88 -14.35
N TRP B 124 18.07 -17.00 -14.70
CA TRP B 124 18.58 -16.89 -16.09
C TRP B 124 19.00 -18.26 -16.66
N ALA B 125 19.43 -19.22 -15.83
CA ALA B 125 20.05 -20.50 -16.27
C ALA B 125 18.94 -21.52 -16.54
N ASP B 126 17.65 -21.15 -16.31
CA ASP B 126 16.54 -22.12 -16.46
C ASP B 126 16.43 -22.46 -17.97
N PRO B 127 16.49 -23.73 -18.32
CA PRO B 127 16.43 -24.11 -19.73
C PRO B 127 15.08 -23.77 -20.41
N ARG B 128 14.04 -23.57 -19.63
CA ARG B 128 12.68 -23.27 -20.11
C ARG B 128 12.57 -21.79 -20.56
N LEU B 129 13.56 -20.96 -20.22
CA LEU B 129 13.51 -19.48 -20.47
C LEU B 129 14.20 -19.12 -21.81
N ASN B 130 13.54 -18.40 -22.68
CA ASN B 130 14.16 -17.91 -23.91
C ASN B 130 14.14 -16.39 -23.82
N VAL B 131 15.29 -15.79 -23.88
CA VAL B 131 15.43 -14.31 -23.85
C VAL B 131 15.47 -13.82 -25.30
N LYS B 132 14.56 -12.91 -25.66
CA LYS B 132 14.52 -12.23 -27.00
C LYS B 132 14.58 -10.72 -26.90
N ILE B 133 15.54 -10.09 -27.49
CA ILE B 133 15.70 -8.65 -27.42
C ILE B 133 14.87 -8.16 -28.62
N GLY B 134 13.75 -7.49 -28.36
CA GLY B 134 12.84 -7.04 -29.43
C GLY B 134 11.79 -6.22 -28.76
N ASP B 135 11.00 -5.58 -29.54
CA ASP B 135 9.82 -4.81 -29.06
C ASP B 135 8.64 -5.77 -28.80
N GLY B 136 8.15 -5.74 -27.61
CA GLY B 136 6.91 -6.41 -27.21
C GLY B 136 5.67 -6.13 -28.07
N ILE B 137 5.47 -4.88 -28.46
CA ILE B 137 4.29 -4.46 -29.21
C ILE B 137 4.33 -5.15 -30.56
N ALA B 138 5.50 -5.14 -31.22
CA ALA B 138 5.70 -5.80 -32.53
C ALA B 138 5.57 -7.31 -32.35
N PHE B 139 6.09 -7.85 -31.24
CA PHE B 139 6.05 -9.31 -30.98
C PHE B 139 4.60 -9.82 -30.96
N VAL B 140 3.71 -9.21 -30.17
CA VAL B 140 2.31 -9.68 -30.12
C VAL B 140 1.59 -9.34 -31.38
N GLN B 141 1.95 -8.31 -32.13
CA GLN B 141 1.29 -8.04 -33.43
C GLN B 141 1.56 -9.24 -34.39
N THR B 142 2.73 -9.88 -34.27
CA THR B 142 3.24 -10.90 -35.21
C THR B 142 2.83 -12.30 -34.75
N ALA B 143 2.71 -12.48 -33.43
CA ALA B 143 2.51 -13.82 -32.87
C ALA B 143 1.19 -14.38 -33.35
N PRO B 144 1.06 -15.70 -33.58
CA PRO B 144 -0.22 -16.26 -33.96
C PRO B 144 -1.26 -16.34 -32.82
N ASP B 145 -2.50 -16.62 -33.24
CA ASP B 145 -3.65 -16.69 -32.32
C ASP B 145 -3.38 -17.74 -31.26
N ALA B 146 -3.83 -17.55 -30.03
CA ALA B 146 -3.92 -18.64 -29.05
C ALA B 146 -2.59 -19.34 -28.98
N SER B 147 -1.50 -18.59 -28.70
CA SER B 147 -0.14 -19.13 -28.68
C SER B 147 0.43 -19.01 -27.28
N TYR B 148 -0.22 -18.30 -26.35
CA TYR B 148 0.31 -18.21 -24.98
C TYR B 148 -0.80 -18.37 -23.97
N ASP B 149 -0.46 -18.94 -22.84
CA ASP B 149 -1.42 -19.18 -21.70
C ASP B 149 -1.50 -17.94 -20.83
N VAL B 150 -0.41 -17.24 -20.74
CA VAL B 150 -0.29 -16.05 -19.84
C VAL B 150 0.58 -15.00 -20.56
N ILE B 151 0.15 -13.75 -20.54
CA ILE B 151 0.97 -12.59 -20.95
C ILE B 151 1.08 -11.66 -19.74
N LEU B 152 2.32 -11.39 -19.34
CA LEU B 152 2.64 -10.43 -18.29
C LEU B 152 3.40 -9.29 -18.90
N VAL B 153 2.87 -8.06 -18.70
CA VAL B 153 3.57 -6.84 -19.12
C VAL B 153 4.29 -6.25 -17.87
N ASP B 154 5.61 -6.33 -17.86
CA ASP B 154 6.48 -5.89 -16.76
C ASP B 154 7.21 -4.67 -17.30
N GLY B 155 6.46 -3.64 -17.62
CA GLY B 155 6.98 -2.40 -18.22
C GLY B 155 6.92 -1.23 -17.27
N SER B 156 7.24 -0.05 -17.78
CA SER B 156 7.30 1.18 -16.91
C SER B 156 6.13 2.12 -17.24
N ASP B 157 6.17 3.37 -16.72
CA ASP B 157 5.14 4.45 -16.87
C ASP B 157 4.81 4.72 -18.37
N PRO B 158 3.62 5.28 -18.74
CA PRO B 158 3.34 5.56 -20.17
C PRO B 158 4.07 6.72 -20.91
N ALA B 159 5.41 6.81 -20.92
CA ALA B 159 6.17 7.96 -21.52
C ALA B 159 7.58 7.57 -22.03
N GLY B 160 7.78 7.18 -23.29
CA GLY B 160 9.10 6.66 -23.74
C GLY B 160 8.91 5.29 -24.38
N PRO B 161 9.74 4.24 -24.12
CA PRO B 161 9.65 2.94 -24.81
C PRO B 161 8.40 2.13 -24.40
N ALA B 162 7.94 2.28 -23.15
CA ALA B 162 6.72 1.64 -22.56
C ALA B 162 5.37 2.27 -22.97
N ALA B 163 5.34 3.38 -23.73
CA ALA B 163 4.11 4.17 -24.08
C ALA B 163 3.01 3.33 -24.83
N GLY B 164 3.33 2.72 -26.02
CA GLY B 164 2.44 1.85 -26.84
C GLY B 164 1.90 0.69 -26.02
N LEU B 165 2.52 0.35 -24.87
CA LEU B 165 2.09 -0.81 -24.03
C LEU B 165 0.75 -0.52 -23.34
N PHE B 166 0.23 0.73 -23.44
CA PHE B 166 -0.99 1.23 -22.74
C PHE B 166 -2.06 1.42 -23.83
N ASN B 167 -1.86 1.03 -25.11
CA ASN B 167 -2.84 1.33 -26.19
C ASN B 167 -3.80 0.12 -26.49
N ARG B 168 -4.97 0.43 -26.99
CA ARG B 168 -6.05 -0.53 -27.28
C ARG B 168 -5.64 -1.61 -28.31
N GLU B 169 -4.92 -1.29 -29.36
CA GLU B 169 -4.53 -2.23 -30.42
C GLU B 169 -3.56 -3.28 -29.78
N PHE B 170 -2.67 -2.85 -28.91
CA PHE B 170 -1.75 -3.78 -28.24
C PHE B 170 -2.62 -4.76 -27.41
N TYR B 171 -3.61 -4.23 -26.67
CA TYR B 171 -4.40 -5.05 -25.74
C TYR B 171 -5.20 -6.05 -26.59
N GLU B 172 -5.68 -5.65 -27.75
CA GLU B 172 -6.44 -6.52 -28.69
C GLU B 172 -5.57 -7.65 -29.17
N ASN B 173 -4.27 -7.40 -29.41
CA ASN B 173 -3.38 -8.42 -29.93
C ASN B 173 -3.12 -9.37 -28.76
N CYS B 174 -2.99 -8.87 -27.53
CA CYS B 174 -2.80 -9.73 -26.37
C CYS B 174 -4.02 -10.65 -26.20
N ARG B 175 -5.22 -10.16 -26.43
CA ARG B 175 -6.37 -11.03 -26.15
C ARG B 175 -6.40 -12.10 -27.27
N ARG B 176 -6.07 -11.78 -28.51
CA ARG B 176 -5.95 -12.67 -29.71
C ARG B 176 -4.93 -13.83 -29.48
N VAL B 177 -3.81 -13.50 -28.82
CA VAL B 177 -2.61 -14.36 -28.63
C VAL B 177 -2.87 -15.29 -27.48
N LEU B 178 -3.68 -14.90 -26.51
CA LEU B 178 -3.98 -15.72 -25.34
C LEU B 178 -4.78 -16.95 -25.74
N LYS B 179 -4.41 -18.08 -25.15
CA LYS B 179 -5.16 -19.35 -25.33
C LYS B 179 -6.45 -19.24 -24.53
N PRO B 180 -7.45 -20.10 -24.75
CA PRO B 180 -8.64 -20.11 -23.90
C PRO B 180 -8.33 -20.43 -22.46
N GLY B 181 -8.92 -19.62 -21.59
CA GLY B 181 -8.71 -19.71 -20.17
C GLY B 181 -7.43 -19.06 -19.70
N GLY B 182 -6.75 -18.37 -20.60
CA GLY B 182 -5.47 -17.68 -20.29
C GLY B 182 -5.70 -16.35 -19.59
N VAL B 183 -4.62 -15.73 -19.17
CA VAL B 183 -4.68 -14.52 -18.33
C VAL B 183 -3.63 -13.51 -18.83
N PHE B 184 -4.08 -12.24 -18.95
CA PHE B 184 -3.24 -11.02 -19.11
C PHE B 184 -3.09 -10.29 -17.76
N ALA B 185 -1.88 -9.86 -17.44
CA ALA B 185 -1.63 -8.96 -16.32
C ALA B 185 -0.55 -7.93 -16.71
N SER B 186 -0.75 -6.73 -16.19
CA SER B 186 0.18 -5.58 -16.32
C SER B 186 0.26 -4.88 -14.95
N GLN B 187 1.40 -4.26 -14.62
CA GLN B 187 1.40 -3.14 -13.64
C GLN B 187 0.47 -2.07 -14.16
N ALA B 188 -0.25 -1.35 -13.27
CA ALA B 188 -1.31 -0.39 -13.67
C ALA B 188 -1.11 0.94 -12.90
N GLU B 189 0.13 1.27 -12.59
CA GLU B 189 0.48 2.58 -11.94
C GLU B 189 -0.15 2.60 -10.54
N SER B 190 -0.45 3.78 -10.02
CA SER B 190 -0.87 4.09 -8.63
C SER B 190 -2.19 4.83 -8.72
N PRO B 191 -3.17 4.40 -7.89
CA PRO B 191 -4.41 5.13 -7.68
C PRO B 191 -4.22 6.44 -6.87
N ASP B 192 -3.05 6.68 -6.27
CA ASP B 192 -2.78 7.95 -5.58
C ASP B 192 -2.13 8.90 -6.59
N SER B 193 -1.05 8.46 -7.24
CA SER B 193 -0.16 9.37 -8.02
C SER B 193 -0.50 9.39 -9.53
N PHE B 194 -1.19 8.37 -10.04
CA PHE B 194 -1.61 8.35 -11.45
C PHE B 194 -3.04 7.86 -11.64
N LEU B 195 -3.96 8.43 -10.88
CA LEU B 195 -5.36 8.00 -10.82
C LEU B 195 -5.96 8.04 -12.25
N ALA B 196 -5.77 9.12 -13.06
CA ALA B 196 -6.39 9.25 -14.39
C ALA B 196 -5.91 8.15 -15.34
N VAL B 197 -4.65 7.84 -15.34
CA VAL B 197 -4.08 6.76 -16.15
C VAL B 197 -4.60 5.41 -15.63
N HIS B 198 -4.54 5.19 -14.31
CA HIS B 198 -5.01 3.93 -13.71
C HIS B 198 -6.47 3.68 -14.16
N LEU B 199 -7.33 4.66 -14.02
CA LEU B 199 -8.75 4.41 -14.35
C LEU B 199 -8.87 4.23 -15.89
N GLU B 200 -8.06 4.89 -16.72
CA GLU B 200 -8.17 4.78 -18.20
C GLU B 200 -7.74 3.38 -18.58
N MET B 201 -6.72 2.86 -17.90
CA MET B 201 -6.25 1.51 -18.16
C MET B 201 -7.36 0.53 -17.80
N ILE B 202 -7.89 0.61 -16.58
CA ILE B 202 -9.02 -0.25 -16.22
C ILE B 202 -10.06 -0.17 -17.33
N GLU B 203 -10.46 1.02 -17.75
CA GLU B 203 -11.59 1.16 -18.69
C GLU B 203 -11.22 0.50 -20.00
N THR B 204 -10.01 0.69 -20.53
CA THR B 204 -9.65 0.25 -21.92
C THR B 204 -9.57 -1.30 -21.87
N LEU B 205 -8.93 -1.84 -20.85
CA LEU B 205 -8.81 -3.29 -20.71
C LEU B 205 -10.16 -4.01 -20.47
N SER B 206 -11.08 -3.42 -19.72
CA SER B 206 -12.45 -3.89 -19.43
C SER B 206 -13.29 -3.97 -20.66
N ALA B 207 -13.00 -3.13 -21.60
CA ALA B 207 -13.66 -3.05 -22.92
C ALA B 207 -13.09 -4.14 -23.84
N VAL B 208 -11.79 -4.35 -23.78
CA VAL B 208 -11.17 -5.28 -24.76
C VAL B 208 -11.49 -6.75 -24.34
N PHE B 209 -11.28 -7.07 -23.06
CA PHE B 209 -11.39 -8.41 -22.46
C PHE B 209 -12.79 -8.49 -21.87
N ALA B 210 -13.32 -9.71 -21.65
CA ALA B 210 -14.63 -9.90 -20.97
C ALA B 210 -14.59 -9.20 -19.62
N GLU B 211 -13.48 -9.30 -18.93
CA GLU B 211 -13.31 -8.71 -17.60
C GLU B 211 -11.87 -8.24 -17.37
N ALA B 212 -11.73 -7.06 -16.74
CA ALA B 212 -10.44 -6.62 -16.19
C ALA B 212 -10.66 -6.00 -14.82
N LYS B 213 -9.82 -6.40 -13.87
CA LYS B 213 -9.97 -5.98 -12.45
C LYS B 213 -8.65 -5.54 -11.86
N PRO B 214 -8.59 -4.34 -11.33
CA PRO B 214 -7.38 -3.85 -10.69
C PRO B 214 -7.19 -4.63 -9.40
N TYR B 215 -5.96 -4.64 -8.94
CA TYR B 215 -5.52 -5.22 -7.65
C TYR B 215 -4.35 -4.39 -7.14
N TYR B 216 -4.23 -4.28 -5.81
CA TYR B 216 -3.47 -3.23 -5.13
C TYR B 216 -2.50 -3.88 -4.18
N GLY B 217 -1.37 -3.23 -4.00
CA GLY B 217 -0.26 -3.74 -3.19
C GLY B 217 0.70 -2.61 -2.91
N TRP B 218 1.92 -2.92 -2.54
CA TRP B 218 2.87 -1.97 -1.94
C TRP B 218 4.10 -2.00 -2.80
N VAL B 219 4.63 -0.83 -3.24
CA VAL B 219 6.05 -0.75 -3.71
C VAL B 219 6.65 0.52 -3.18
N PRO B 220 7.42 0.43 -2.06
CA PRO B 220 7.89 1.65 -1.35
C PRO B 220 8.71 2.57 -2.23
N MET B 221 9.40 2.06 -3.26
CA MET B 221 10.27 2.84 -4.18
C MET B 221 9.47 3.37 -5.33
N TYR B 222 8.20 3.01 -5.44
CA TYR B 222 7.40 3.63 -6.53
C TYR B 222 6.56 4.80 -5.98
N PRO B 223 6.24 5.81 -6.81
CA PRO B 223 5.62 7.05 -6.32
C PRO B 223 4.32 6.77 -5.54
N SER B 224 4.28 7.20 -4.26
CA SER B 224 3.20 7.08 -3.24
C SER B 224 3.38 5.78 -2.42
N GLY B 225 4.07 4.79 -3.02
CA GLY B 225 4.23 3.44 -2.48
C GLY B 225 2.98 2.65 -2.57
N TRP B 226 1.91 3.28 -3.06
CA TRP B 226 0.62 2.60 -3.29
C TRP B 226 0.54 2.20 -4.76
N TRP B 227 0.81 0.90 -5.09
CA TRP B 227 0.88 0.39 -6.47
C TRP B 227 -0.30 -0.55 -6.82
N SER B 228 -0.37 -0.91 -8.08
CA SER B 228 -1.52 -1.60 -8.62
C SER B 228 -1.11 -2.35 -9.88
N TRP B 229 -1.90 -3.36 -10.15
CA TRP B 229 -1.76 -4.22 -11.33
C TRP B 229 -3.17 -4.39 -11.89
N LEU B 230 -3.28 -4.84 -13.11
CA LEU B 230 -4.56 -5.12 -13.80
C LEU B 230 -4.53 -6.61 -14.20
N TYR B 231 -5.53 -7.37 -13.78
CA TYR B 231 -5.85 -8.73 -14.19
C TYR B 231 -6.87 -8.64 -15.34
N ALA B 232 -6.60 -9.27 -16.45
CA ALA B 232 -7.65 -9.42 -17.48
C ALA B 232 -7.78 -10.82 -18.09
N SER B 233 -8.99 -11.18 -18.46
CA SER B 233 -9.22 -12.50 -19.03
C SER B 233 -10.65 -12.51 -19.63
N ASP B 234 -11.01 -13.60 -20.34
CA ASP B 234 -12.28 -13.80 -21.04
C ASP B 234 -13.28 -14.61 -20.18
N THR B 235 -12.96 -14.78 -18.90
CA THR B 235 -13.80 -15.42 -17.87
C THR B 235 -14.02 -14.47 -16.71
N PRO B 236 -15.21 -13.87 -16.58
CA PRO B 236 -15.50 -13.05 -15.42
C PRO B 236 -15.37 -13.89 -14.12
N GLY B 237 -14.69 -13.31 -13.15
CA GLY B 237 -14.50 -13.94 -11.86
C GLY B 237 -13.39 -15.01 -11.80
N GLN B 238 -12.63 -15.27 -12.88
CA GLN B 238 -11.53 -16.25 -12.87
C GLN B 238 -10.48 -15.81 -11.82
N PHE B 239 -10.29 -14.51 -11.61
CA PHE B 239 -9.34 -13.98 -10.63
C PHE B 239 -9.70 -14.49 -9.23
N GLN B 240 -10.90 -14.99 -8.98
CA GLN B 240 -11.16 -15.44 -7.56
C GLN B 240 -10.97 -16.95 -7.36
N LYS B 241 -10.47 -17.68 -8.35
CA LYS B 241 -10.35 -19.17 -8.37
C LYS B 241 -8.92 -19.61 -8.54
N PRO B 242 -7.98 -19.22 -7.65
CA PRO B 242 -6.60 -19.77 -7.63
C PRO B 242 -6.61 -21.28 -7.30
N GLN B 243 -5.82 -22.08 -8.03
CA GLN B 243 -5.75 -23.54 -7.92
C GLN B 243 -4.89 -23.90 -6.70
N SER B 244 -5.43 -24.78 -5.85
CA SER B 244 -4.90 -25.26 -4.55
C SER B 244 -3.53 -25.89 -4.73
N ASP B 245 -3.29 -26.68 -5.77
CA ASP B 245 -2.00 -27.33 -6.01
C ASP B 245 -0.94 -26.26 -6.32
N ARG B 246 -1.23 -25.33 -7.17
CA ARG B 246 -0.34 -24.17 -7.43
C ARG B 246 -0.09 -23.34 -6.17
N LEU B 247 -1.13 -22.97 -5.42
CA LEU B 247 -0.89 -22.22 -4.14
C LEU B 247 0.02 -23.00 -3.18
N ALA B 248 -0.16 -24.30 -2.95
CA ALA B 248 0.61 -25.07 -1.99
C ALA B 248 2.04 -25.21 -2.49
N ALA B 249 2.37 -25.25 -3.79
CA ALA B 249 3.76 -25.26 -4.30
C ALA B 249 4.42 -23.88 -4.17
N ILE B 250 3.68 -22.80 -4.40
CA ILE B 250 4.19 -21.40 -4.44
C ILE B 250 4.32 -20.79 -3.03
N GLU B 251 3.32 -20.90 -2.17
CA GLU B 251 3.35 -20.12 -0.89
C GLU B 251 4.66 -20.31 -0.12
N PRO B 252 5.20 -21.52 0.08
CA PRO B 252 6.44 -21.71 0.82
C PRO B 252 7.70 -21.03 0.24
N GLN B 253 7.63 -20.53 -0.97
CA GLN B 253 8.80 -20.04 -1.77
C GLN B 253 8.76 -18.52 -1.88
N VAL B 254 7.67 -17.92 -1.40
CA VAL B 254 7.44 -16.47 -1.57
C VAL B 254 7.33 -15.77 -0.25
N GLU B 255 7.68 -14.50 -0.21
CA GLU B 255 7.70 -13.74 1.05
C GLU B 255 6.34 -13.13 1.44
N ILE B 256 5.49 -12.74 0.45
CA ILE B 256 4.19 -12.06 0.79
C ILE B 256 2.98 -12.93 0.44
N TYR B 257 2.92 -13.38 -0.81
CA TYR B 257 1.74 -13.87 -1.54
C TYR B 257 1.26 -15.19 -0.92
N ASN B 258 -0.08 -15.28 -0.78
CA ASN B 258 -0.79 -16.49 -0.30
C ASN B 258 -2.24 -16.34 -0.75
N ARG B 259 -3.10 -17.30 -0.43
CA ARG B 259 -4.51 -17.39 -0.83
C ARG B 259 -5.25 -16.09 -0.35
N ASP B 260 -5.01 -15.69 0.89
CA ASP B 260 -5.73 -14.58 1.52
C ASP B 260 -5.26 -13.27 0.90
N ILE B 261 -3.95 -13.10 0.73
CA ILE B 261 -3.38 -11.90 0.06
C ILE B 261 -3.95 -11.84 -1.39
N HIS B 262 -3.99 -12.94 -2.12
CA HIS B 262 -4.50 -12.96 -3.50
C HIS B 262 -5.91 -12.37 -3.45
N GLN B 263 -6.81 -12.87 -2.60
CA GLN B 263 -8.24 -12.41 -2.62
C GLN B 263 -8.33 -10.98 -2.08
N ALA B 264 -7.47 -10.59 -1.13
CA ALA B 264 -7.58 -9.26 -0.53
C ALA B 264 -7.23 -8.21 -1.57
N ALA B 265 -6.19 -8.42 -2.36
CA ALA B 265 -5.60 -7.38 -3.24
C ALA B 265 -6.66 -6.83 -4.23
N PHE B 266 -7.70 -7.56 -4.54
CA PHE B 266 -8.78 -7.11 -5.43
C PHE B 266 -9.88 -6.28 -4.75
N ALA B 267 -9.80 -6.07 -3.47
CA ALA B 267 -10.78 -5.20 -2.74
C ALA B 267 -10.63 -3.76 -3.32
N GLN B 268 -11.67 -3.19 -3.85
CA GLN B 268 -11.56 -1.85 -4.51
C GLN B 268 -11.95 -0.73 -3.55
N PRO B 269 -11.11 0.26 -3.35
CA PRO B 269 -11.52 1.45 -2.65
C PRO B 269 -12.74 2.08 -3.33
N ASN B 270 -13.58 2.70 -2.51
CA ASN B 270 -14.74 3.45 -3.00
C ASN B 270 -14.33 4.42 -4.10
N PHE B 271 -13.27 5.19 -3.95
CA PHE B 271 -12.99 6.29 -4.94
C PHE B 271 -12.56 5.65 -6.29
N VAL B 272 -12.04 4.41 -6.32
CA VAL B 272 -11.72 3.72 -7.63
C VAL B 272 -13.04 3.26 -8.22
N ARG B 273 -13.90 2.62 -7.43
CA ARG B 273 -15.23 2.17 -7.91
C ARG B 273 -16.00 3.38 -8.44
N ARG B 274 -16.04 4.46 -7.70
CA ARG B 274 -16.86 5.61 -8.13
C ARG B 274 -16.20 6.30 -9.36
N GLY B 275 -14.84 6.35 -9.39
CA GLY B 275 -14.07 6.96 -10.48
C GLY B 275 -14.38 6.24 -11.81
N LEU B 276 -14.65 4.95 -11.76
CA LEU B 276 -14.96 4.18 -12.99
C LEU B 276 -16.35 4.55 -13.39
N SER B 277 -17.25 4.81 -12.45
CA SER B 277 -18.62 5.33 -12.77
C SER B 277 -18.61 6.79 -13.31
N ALA B 278 -17.83 7.70 -12.72
CA ALA B 278 -17.66 9.09 -13.25
C ALA B 278 -17.18 8.96 -14.70
N ARG B 279 -16.29 8.02 -15.02
CA ARG B 279 -15.87 7.75 -16.41
C ARG B 279 -17.03 7.37 -17.38
N GLN B 280 -18.24 7.04 -16.91
CA GLN B 280 -19.41 6.61 -17.77
C GLN B 280 -20.46 7.73 -17.89
N2 PUT C . 5.14 8.11 11.62
C4 PUT C . 3.82 7.52 11.82
C3 PUT C . 3.12 7.73 13.15
C2 PUT C . 1.87 8.55 12.87
C1 PUT C . 0.89 8.75 14.01
N1 PUT C . 1.02 7.57 14.85
N1 SPD D . 7.55 4.10 -11.90
C2 SPD D . 7.85 2.64 -12.01
C3 SPD D . 6.78 1.66 -12.43
C4 SPD D . 7.10 0.63 -13.55
C5 SPD D . 7.72 -0.72 -13.13
N6 SPD D . 8.56 -1.38 -14.18
C7 SPD D . 9.74 -2.18 -13.77
C8 SPD D . 9.42 -3.30 -12.96
C9 SPD D . 10.53 -4.09 -12.27
N10 SPD D . 10.49 -5.52 -12.70
CS MTA E . 13.25 -2.82 -14.36
S5' MTA E . 12.61 -3.59 -15.82
C5' MTA E . 11.21 -2.51 -16.61
C4' MTA E . 11.24 -2.88 -18.13
O4' MTA E . 10.23 -2.57 -19.17
C2' MTA E . 12.29 -1.68 -20.12
O2' MTA E . 13.36 -1.48 -21.13
C3' MTA E . 12.59 -2.41 -18.73
O3' MTA E . 13.32 -3.70 -18.64
C1' MTA E . 11.01 -2.56 -20.52
N9 MTA E . 10.22 -2.19 -21.79
C8 MTA E . 9.60 -0.96 -21.97
N7 MTA E . 8.89 -0.89 -23.17
C5 MTA E . 8.99 -2.10 -23.81
C6 MTA E . 8.48 -2.61 -25.11
N6 MTA E . 7.70 -1.79 -25.95
N1 MTA E . 8.88 -3.86 -25.46
C2 MTA E . 9.66 -4.59 -24.61
N3 MTA E . 10.17 -4.13 -23.39
C4 MTA E . 9.88 -2.93 -22.92
CAA PXN F . -9.71 -26.15 -20.18
CAB PXN F . -17.23 -24.65 -18.97
CAC PXN F . -11.46 -22.22 -19.97
OAD PXN F . -11.11 -23.54 -19.65
CAE PXN F . -10.87 -24.03 -20.99
CAF PXN F . -9.58 -24.83 -21.05
OAG PXN F . -9.39 -25.00 -22.49
OAH PXN F . -17.98 -22.90 -17.67
CAI PXN F . -16.79 -23.57 -18.00
CAJ PXN F . -15.97 -22.39 -18.50
OAK PXN F . -14.93 -22.62 -19.41
CAL PXN F . -13.67 -22.75 -18.74
CAM PXN F . -12.68 -21.70 -19.19
CAN PXN F . -12.18 -20.80 -18.03
OAO PXN F . -11.38 -21.48 -17.04
CAP PXN F . -11.88 -21.24 -15.69
CAQ PXN F . -10.74 -20.97 -14.79
OAR PXN F . -9.78 -22.07 -15.01
OAS PXN F . -13.50 -17.53 -23.44
CAT PXN F . -12.54 -17.99 -22.44
CAU PXN F . -13.09 -19.30 -21.88
OAV PXN F . -12.38 -19.77 -20.76
CAW PXN F . -13.33 -20.74 -20.22
CAX PXN F . -11.44 -20.86 -13.41
CAY PXN F . -11.13 -18.14 -22.85
#